data_4HMN
#
_entry.id   4HMN
#
_cell.length_a   57.956
_cell.length_b   64.068
_cell.length_c   96.404
_cell.angle_alpha   90.00
_cell.angle_beta   90.00
_cell.angle_gamma   90.00
#
_symmetry.space_group_name_H-M   'P 21 21 21'
#
loop_
_entity.id
_entity.type
_entity.pdbx_description
1 polymer 'Aldo-keto reductase family 1 member C3'
2 non-polymer 'NADP NICOTINAMIDE-ADENINE-DINUCLEOTIDE PHOSPHATE'
3 non-polymer [4-(4-chlorophenyl)piperazin-1-yl](morpholin-4-yl)methanone
4 non-polymer 1,2-ETHANEDIOL
5 water water
#
_entity_poly.entity_id   1
_entity_poly.type   'polypeptide(L)'
_entity_poly.pdbx_seq_one_letter_code
;MDSKHQCVKLNDGHFMPVLGFGTYAPPEVPRSKALEVTKLAIEAGFRHIDSAHLYNNEEQVGLAIRSKIADGSVKREDIF
YTSKLWSTFHRPELVRPALENSLKKAQLDYVDLYLIHSPMSLKPGEELSPTDENGKVIFDIVDLCTTWEAMEKCKDAGLA
KSIGVSNFNRRQLEMILNKPGLKYKPVCNQVECHPYFNRSKLLDFCKSKDIVLVAYSALGSQRDKRWVDPNSPVLLEDPV
LCALAKKHKRTPALIALRYQLQRGVVVLAKSYNEQRIRQNVQVFEFQLTAEDMKAIDGLDRNLHYFNSDSFASHPNYPYS
DEYLEHHHHHH
;
_entity_poly.pdbx_strand_id   A
#
# COMPACT_ATOMS: atom_id res chain seq x y z
N GLN A 6 13.34 4.76 9.82
CA GLN A 6 12.52 5.95 10.20
C GLN A 6 11.02 5.58 10.12
N CYS A 7 10.19 6.39 10.78
CA CYS A 7 8.78 6.13 11.01
C CYS A 7 8.09 7.45 10.84
N VAL A 8 6.82 7.45 10.43
CA VAL A 8 6.03 8.71 10.34
C VAL A 8 4.85 8.63 11.32
N LYS A 9 4.60 9.71 12.03
CA LYS A 9 3.53 9.76 13.03
C LYS A 9 2.17 9.93 12.33
N LEU A 10 1.28 8.94 12.48
CA LEU A 10 -0.04 8.97 11.85
C LEU A 10 -0.91 9.96 12.58
N ASN A 11 -2.02 10.37 11.96
CA ASN A 11 -2.88 11.43 12.55
C ASN A 11 -3.76 10.99 13.76
N ASP A 12 -3.65 9.72 14.17
CA ASP A 12 -4.31 9.22 15.37
C ASP A 12 -3.30 8.87 16.47
N GLY A 13 -2.05 9.29 16.31
CA GLY A 13 -1.04 9.14 17.37
C GLY A 13 -0.06 7.99 17.19
N HIS A 14 -0.42 7.02 16.39
CA HIS A 14 0.45 5.86 16.17
C HIS A 14 1.53 6.11 15.13
N PHE A 15 2.46 5.19 15.02
CA PHE A 15 3.58 5.31 14.12
C PHE A 15 3.64 4.26 13.00
N MET A 16 4.06 4.68 11.79
CA MET A 16 4.14 3.81 10.64
C MET A 16 5.53 3.84 10.03
N PRO A 17 6.18 2.68 9.88
CA PRO A 17 7.45 2.71 9.18
C PRO A 17 7.30 3.16 7.72
N VAL A 18 8.18 4.04 7.26
CA VAL A 18 8.08 4.65 5.92
C VAL A 18 8.50 3.71 4.81
N LEU A 19 9.09 2.55 5.13
CA LEU A 19 9.40 1.56 4.09
C LEU A 19 8.62 0.31 4.41
N GLY A 20 7.84 -0.13 3.44
CA GLY A 20 6.96 -1.27 3.64
C GLY A 20 7.27 -2.43 2.75
N PHE A 21 7.10 -3.65 3.29
CA PHE A 21 7.18 -4.86 2.52
C PHE A 21 5.91 -5.18 1.76
N GLY A 22 5.98 -5.16 0.43
CA GLY A 22 4.90 -5.70 -0.42
C GLY A 22 4.87 -7.21 -0.51
N THR A 23 3.72 -7.81 -0.17
CA THR A 23 3.62 -9.27 0.02
C THR A 23 2.88 -10.00 -1.10
N TYR A 24 2.29 -9.28 -2.06
CA TYR A 24 1.59 -9.99 -3.13
C TYR A 24 2.53 -10.79 -4.08
N ALA A 25 2.10 -12.02 -4.33
CA ALA A 25 2.68 -12.86 -5.40
C ALA A 25 1.51 -13.55 -6.06
N PRO A 26 1.59 -13.74 -7.39
CA PRO A 26 0.45 -14.40 -8.06
C PRO A 26 0.31 -15.93 -7.71
N PRO A 27 -0.82 -16.58 -8.11
CA PRO A 27 -1.09 -18.02 -8.00
C PRO A 27 0.01 -18.99 -8.49
N GLU A 28 0.71 -18.66 -9.58
CA GLU A 28 1.78 -19.55 -10.04
C GLU A 28 2.91 -19.78 -8.97
N VAL A 29 2.98 -18.91 -7.95
CA VAL A 29 3.97 -19.02 -6.86
C VAL A 29 3.36 -19.74 -5.64
N PRO A 30 4.11 -20.68 -5.04
CA PRO A 30 3.50 -21.38 -3.91
C PRO A 30 3.33 -20.52 -2.68
N ARG A 31 2.23 -20.77 -1.98
CA ARG A 31 1.90 -20.05 -0.76
C ARG A 31 3.07 -20.09 0.24
N SER A 32 3.96 -21.07 0.14
CA SER A 32 5.02 -21.23 1.15
C SER A 32 6.17 -20.28 0.94
N LYS A 33 6.24 -19.62 -0.22
CA LYS A 33 7.32 -18.63 -0.39
C LYS A 33 6.97 -17.33 0.31
N ALA A 34 5.68 -17.06 0.50
CA ALA A 34 5.25 -15.85 1.24
C ALA A 34 5.81 -15.83 2.69
N LEU A 35 5.85 -17.01 3.33
CA LEU A 35 6.50 -17.23 4.65
C LEU A 35 8.02 -17.00 4.62
N GLU A 36 8.69 -17.66 3.67
CA GLU A 36 10.16 -17.55 3.49
C GLU A 36 10.50 -16.08 3.25
N VAL A 37 9.95 -15.47 2.19
CA VAL A 37 10.30 -14.06 1.87
C VAL A 37 9.91 -13.02 2.93
N THR A 38 8.82 -13.20 3.67
CA THR A 38 8.47 -12.22 4.71
C THR A 38 9.49 -12.29 5.88
N LYS A 39 9.89 -13.50 6.29
CA LYS A 39 11.02 -13.67 7.21
C LYS A 39 12.33 -12.98 6.75
N LEU A 40 12.69 -13.15 5.48
CA LEU A 40 13.91 -12.52 4.95
C LEU A 40 13.83 -10.99 5.00
N ALA A 41 12.63 -10.47 4.74
CA ALA A 41 12.34 -9.05 4.74
C ALA A 41 12.55 -8.50 6.10
N ILE A 42 12.00 -9.20 7.11
CA ILE A 42 12.15 -8.79 8.52
C ILE A 42 13.63 -8.90 8.90
N GLU A 43 14.30 -9.95 8.44
CA GLU A 43 15.75 -10.13 8.68
C GLU A 43 16.60 -9.01 8.09
N ALA A 44 16.32 -8.59 6.85
CA ALA A 44 16.96 -7.40 6.23
C ALA A 44 16.63 -6.04 6.88
N GLY A 45 15.62 -5.97 7.74
CA GLY A 45 15.30 -4.71 8.42
C GLY A 45 13.96 -4.07 8.10
N PHE A 46 13.12 -4.71 7.28
CA PHE A 46 11.76 -4.22 7.04
C PHE A 46 10.92 -4.40 8.31
N ARG A 47 10.20 -3.36 8.69
CA ARG A 47 9.33 -3.41 9.88
C ARG A 47 7.82 -3.21 9.56
N HIS A 48 7.52 -2.84 8.34
CA HIS A 48 6.16 -2.60 7.87
C HIS A 48 5.92 -3.69 6.84
N ILE A 49 4.85 -4.46 7.02
CA ILE A 49 4.46 -5.57 6.14
C ILE A 49 3.03 -5.30 5.65
N ASP A 50 2.81 -5.27 4.31
CA ASP A 50 1.49 -5.01 3.67
C ASP A 50 0.85 -6.29 3.12
N SER A 51 -0.36 -6.61 3.57
CA SER A 51 -1.09 -7.77 3.06
C SER A 51 -2.55 -7.40 2.83
N ALA A 52 -3.38 -8.38 2.51
CA ALA A 52 -4.80 -8.14 2.23
C ALA A 52 -5.49 -9.49 2.14
N HIS A 53 -6.83 -9.46 2.19
CA HIS A 53 -7.63 -10.68 2.13
C HIS A 53 -7.56 -11.25 0.76
N LEU A 54 -7.67 -10.37 -0.23
CA LEU A 54 -7.44 -10.72 -1.65
C LEU A 54 -6.17 -11.53 -1.90
N TYR A 55 -5.09 -11.24 -1.19
CA TYR A 55 -3.76 -11.81 -1.53
C TYR A 55 -3.62 -13.27 -1.15
N ASN A 56 -4.54 -13.80 -0.34
CA ASN A 56 -4.56 -15.26 -0.01
C ASN A 56 -3.22 -15.72 0.60
N ASN A 57 -2.71 -14.96 1.55
CA ASN A 57 -1.40 -15.22 2.15
C ASN A 57 -1.25 -14.81 3.58
N GLU A 58 -2.35 -14.42 4.20
CA GLU A 58 -2.29 -13.92 5.55
C GLU A 58 -1.78 -15.02 6.48
N GLU A 59 -2.14 -16.29 6.22
CA GLU A 59 -1.66 -17.37 7.11
C GLU A 59 -0.15 -17.39 7.15
N GLN A 60 0.43 -17.29 5.96
CA GLN A 60 1.85 -17.42 5.77
C GLN A 60 2.59 -16.20 6.32
N VAL A 61 2.09 -15.01 5.99
CA VAL A 61 2.68 -13.75 6.36
C VAL A 61 2.58 -13.54 7.88
N GLY A 62 1.43 -13.91 8.45
CA GLY A 62 1.18 -13.84 9.89
C GLY A 62 2.08 -14.82 10.61
N LEU A 63 2.25 -16.02 10.05
CA LEU A 63 3.20 -16.98 10.60
C LEU A 63 4.66 -16.46 10.52
N ALA A 64 4.98 -15.66 9.50
CA ALA A 64 6.37 -15.19 9.35
C ALA A 64 6.64 -14.21 10.49
N ILE A 65 5.72 -13.25 10.69
CA ILE A 65 5.76 -12.34 11.86
C ILE A 65 5.86 -13.12 13.17
N ARG A 66 5.00 -14.12 13.36
CA ARG A 66 5.01 -14.92 14.62
C ARG A 66 6.32 -15.73 14.80
N SER A 67 6.85 -16.26 13.71
CA SER A 67 8.15 -16.90 13.77
C SER A 67 9.32 -15.96 14.23
N LYS A 68 9.24 -14.67 13.88
CA LYS A 68 10.28 -13.73 14.25
C LYS A 68 10.06 -13.12 15.62
N ILE A 69 8.82 -13.23 16.12
CA ILE A 69 8.55 -12.88 17.54
C ILE A 69 9.10 -14.01 18.41
N ALA A 70 8.86 -15.25 17.97
CA ALA A 70 9.27 -16.48 18.63
C ALA A 70 10.78 -16.66 18.72
N ASP A 71 11.56 -16.24 17.74
CA ASP A 71 13.01 -16.41 17.85
C ASP A 71 13.69 -15.18 18.52
N GLY A 72 12.90 -14.23 18.98
CA GLY A 72 13.44 -13.04 19.65
C GLY A 72 14.08 -11.98 18.76
N SER A 73 13.92 -12.02 17.44
CA SER A 73 14.47 -10.96 16.56
C SER A 73 13.68 -9.66 16.62
N VAL A 74 12.38 -9.77 16.86
CA VAL A 74 11.55 -8.59 16.97
C VAL A 74 10.47 -8.87 17.97
N LYS A 75 9.89 -7.78 18.48
CA LYS A 75 8.72 -7.81 19.35
C LYS A 75 7.51 -7.42 18.50
N ARG A 76 6.33 -7.89 18.89
CA ARG A 76 5.11 -7.57 18.13
C ARG A 76 4.97 -6.07 17.86
N GLU A 77 5.19 -5.23 18.88
CA GLU A 77 5.05 -3.77 18.74
C GLU A 77 6.07 -3.14 17.82
N ASP A 78 7.17 -3.87 17.54
CA ASP A 78 8.17 -3.43 16.56
C ASP A 78 7.69 -3.59 15.10
N ILE A 79 6.61 -4.36 14.87
CA ILE A 79 6.09 -4.69 13.55
C ILE A 79 4.83 -3.91 13.29
N PHE A 80 4.67 -3.43 12.04
CA PHE A 80 3.46 -2.70 11.62
C PHE A 80 2.87 -3.50 10.49
N TYR A 81 1.73 -4.16 10.75
CA TYR A 81 1.07 -5.05 9.79
C TYR A 81 -0.26 -4.50 9.30
N THR A 82 -0.44 -4.50 7.99
CA THR A 82 -1.65 -4.02 7.34
C THR A 82 -2.44 -5.14 6.72
N SER A 83 -3.74 -5.16 6.97
CA SER A 83 -4.59 -5.96 6.09
C SER A 83 -5.66 -5.05 5.53
N LYS A 84 -6.47 -5.55 4.60
CA LYS A 84 -7.41 -4.73 3.87
C LYS A 84 -8.74 -5.44 3.70
N LEU A 85 -9.79 -4.61 3.73
CA LEU A 85 -11.18 -5.03 3.65
C LEU A 85 -11.53 -5.15 2.18
N TRP A 86 -11.57 -6.38 1.66
CA TRP A 86 -11.99 -6.61 0.30
C TRP A 86 -13.37 -6.08 -0.04
N SER A 87 -13.60 -5.78 -1.32
CA SER A 87 -14.79 -5.04 -1.83
C SER A 87 -16.15 -5.78 -1.86
N THR A 88 -16.12 -7.09 -1.64
CA THR A 88 -17.33 -7.84 -1.44
C THR A 88 -17.91 -7.63 -0.03
N PHE A 89 -17.13 -6.99 0.85
CA PHE A 89 -17.50 -6.85 2.25
C PHE A 89 -17.64 -5.40 2.69
N HIS A 90 -18.09 -4.53 1.79
CA HIS A 90 -18.37 -3.14 2.14
C HIS A 90 -19.61 -2.90 2.96
N ARG A 91 -20.68 -3.72 2.81
CA ARG A 91 -21.91 -3.54 3.63
C ARG A 91 -21.43 -3.48 5.10
N PRO A 92 -21.93 -2.52 5.90
CA PRO A 92 -21.33 -2.35 7.25
C PRO A 92 -21.28 -3.62 8.15
N GLU A 93 -22.32 -4.45 8.09
CA GLU A 93 -22.45 -5.59 9.02
C GLU A 93 -21.42 -6.68 8.71
N LEU A 94 -20.83 -6.59 7.50
CA LEU A 94 -19.79 -7.50 7.04
C LEU A 94 -18.35 -7.07 7.36
N VAL A 95 -18.18 -5.87 7.96
CA VAL A 95 -16.86 -5.22 8.07
C VAL A 95 -16.03 -5.85 9.19
N ARG A 96 -16.61 -5.90 10.39
CA ARG A 96 -15.90 -6.43 11.54
C ARG A 96 -15.59 -7.89 11.41
N PRO A 97 -16.53 -8.72 10.90
CA PRO A 97 -16.28 -10.15 10.61
C PRO A 97 -15.15 -10.43 9.62
N ALA A 98 -15.05 -9.59 8.59
CA ALA A 98 -13.99 -9.62 7.61
C ALA A 98 -12.64 -9.40 8.30
N LEU A 99 -12.64 -8.46 9.24
CA LEU A 99 -11.42 -8.14 10.00
C LEU A 99 -11.11 -9.25 11.00
N GLU A 100 -12.11 -9.77 11.70
CA GLU A 100 -11.89 -10.89 12.63
C GLU A 100 -11.38 -12.13 11.89
N ASN A 101 -11.92 -12.36 10.71
CA ASN A 101 -11.38 -13.33 9.75
C ASN A 101 -9.88 -13.15 9.43
N SER A 102 -9.47 -11.94 9.03
CA SER A 102 -8.05 -11.74 8.66
C SER A 102 -7.12 -12.00 9.86
N LEU A 103 -7.56 -11.54 11.04
CA LEU A 103 -6.87 -11.82 12.33
C LEU A 103 -6.77 -13.34 12.63
N LYS A 104 -7.86 -14.09 12.45
CA LYS A 104 -7.80 -15.53 12.71
C LYS A 104 -6.80 -16.15 11.74
N LYS A 105 -6.88 -15.80 10.45
CA LYS A 105 -5.92 -16.34 9.49
C LYS A 105 -4.47 -16.03 9.89
N ALA A 106 -4.19 -14.78 10.29
CA ALA A 106 -2.81 -14.32 10.64
C ALA A 106 -2.37 -14.74 12.05
N GLN A 107 -3.37 -15.15 12.83
CA GLN A 107 -3.25 -15.60 14.22
C GLN A 107 -2.65 -14.50 15.08
N LEU A 108 -3.12 -13.29 14.83
CA LEU A 108 -2.71 -12.10 15.58
C LEU A 108 -3.87 -11.58 16.40
N ASP A 109 -3.56 -10.83 17.45
CA ASP A 109 -4.59 -10.16 18.23
C ASP A 109 -5.09 -8.85 17.61
N TYR A 110 -4.31 -8.22 16.73
CA TYR A 110 -4.68 -6.89 16.19
C TYR A 110 -3.91 -6.63 14.92
N VAL A 111 -4.49 -5.92 13.94
CA VAL A 111 -3.71 -5.36 12.84
C VAL A 111 -3.33 -3.94 13.29
N ASP A 112 -2.17 -3.45 12.86
CA ASP A 112 -1.83 -2.05 13.10
C ASP A 112 -2.66 -1.13 12.19
N LEU A 113 -2.93 -1.56 10.95
CA LEU A 113 -3.72 -0.80 9.99
C LEU A 113 -4.73 -1.72 9.28
N TYR A 114 -5.96 -1.22 9.11
CA TYR A 114 -6.94 -1.86 8.26
C TYR A 114 -7.40 -0.86 7.26
N LEU A 115 -7.53 -1.29 6.01
CA LEU A 115 -7.90 -0.40 4.95
C LEU A 115 -9.16 -0.86 4.29
N ILE A 116 -9.98 0.06 3.86
CA ILE A 116 -10.86 -0.23 2.71
C ILE A 116 -9.99 -0.39 1.44
N HIS A 117 -9.96 -1.58 0.85
CA HIS A 117 -9.04 -1.94 -0.25
C HIS A 117 -9.28 -1.08 -1.49
N SER A 118 -10.53 -0.68 -1.71
CA SER A 118 -10.99 -0.08 -2.99
C SER A 118 -12.39 0.49 -2.78
N PRO A 119 -12.71 1.61 -3.47
CA PRO A 119 -14.06 2.18 -3.40
C PRO A 119 -15.08 1.45 -4.32
N MET A 120 -14.61 0.53 -5.14
CA MET A 120 -15.44 -0.06 -6.15
C MET A 120 -16.14 -1.28 -5.55
N SER A 121 -17.35 -1.07 -5.02
CA SER A 121 -18.08 -2.11 -4.26
C SER A 121 -18.54 -3.23 -5.19
N LEU A 122 -18.47 -4.47 -4.71
CA LEU A 122 -18.91 -5.65 -5.49
C LEU A 122 -19.96 -6.46 -4.67
N LYS A 123 -20.86 -7.19 -5.35
CA LYS A 123 -21.86 -8.07 -4.66
C LYS A 123 -21.23 -9.16 -3.72
N PRO A 124 -21.74 -9.30 -2.48
CA PRO A 124 -21.20 -10.14 -1.37
C PRO A 124 -20.86 -11.60 -1.65
N VAL A 137 -18.84 -9.03 -14.70
CA VAL A 137 -18.17 -8.62 -13.48
C VAL A 137 -19.20 -7.79 -12.70
N ILE A 138 -19.59 -8.20 -11.49
CA ILE A 138 -20.90 -7.77 -10.93
C ILE A 138 -20.88 -6.80 -9.73
N PHE A 139 -21.43 -5.60 -9.95
CA PHE A 139 -21.17 -4.43 -9.11
C PHE A 139 -22.18 -4.29 -7.99
N ASP A 140 -21.80 -3.58 -6.93
CA ASP A 140 -22.72 -3.24 -5.82
C ASP A 140 -22.73 -1.73 -5.63
N ILE A 141 -23.81 -1.24 -5.04
CA ILE A 141 -23.89 0.16 -4.62
C ILE A 141 -23.94 0.05 -3.10
N VAL A 142 -22.97 0.68 -2.42
CA VAL A 142 -22.99 0.83 -0.97
C VAL A 142 -22.60 2.27 -0.62
N ASP A 143 -23.24 2.83 0.41
CA ASP A 143 -22.76 4.11 1.01
C ASP A 143 -21.50 3.90 1.87
N LEU A 144 -20.36 4.28 1.29
CA LEU A 144 -19.03 4.13 1.91
C LEU A 144 -18.85 4.86 3.25
N CYS A 145 -19.71 5.82 3.57
CA CYS A 145 -19.71 6.41 4.90
C CYS A 145 -20.20 5.38 5.90
N THR A 146 -21.18 4.53 5.54
CA THR A 146 -21.67 3.45 6.45
C THR A 146 -20.54 2.41 6.69
N THR A 147 -19.80 2.09 5.62
CA THR A 147 -18.68 1.17 5.70
C THR A 147 -17.62 1.71 6.64
N TRP A 148 -17.37 3.03 6.52
CA TRP A 148 -16.42 3.75 7.39
C TRP A 148 -16.79 3.79 8.86
N GLU A 149 -18.08 4.01 9.18
CA GLU A 149 -18.54 3.99 10.60
C GLU A 149 -18.17 2.68 11.20
N ALA A 150 -18.44 1.61 10.45
CA ALA A 150 -18.07 0.25 10.88
C ALA A 150 -16.55 0.07 10.96
N MET A 151 -15.77 0.74 10.10
CA MET A 151 -14.29 0.81 10.33
C MET A 151 -13.96 1.50 11.67
N GLU A 152 -14.58 2.63 11.96
CA GLU A 152 -14.37 3.29 13.27
C GLU A 152 -14.58 2.33 14.43
N LYS A 153 -15.66 1.53 14.38
CA LYS A 153 -16.00 0.61 15.51
C LYS A 153 -14.88 -0.43 15.70
N CYS A 154 -14.26 -0.85 14.61
CA CYS A 154 -13.10 -1.75 14.72
C CYS A 154 -11.90 -1.08 15.40
N LYS A 155 -11.74 0.24 15.24
CA LYS A 155 -10.69 0.95 16.00
C LYS A 155 -11.05 0.98 17.48
N ASP A 156 -12.28 1.37 17.81
CA ASP A 156 -12.74 1.34 19.21
C ASP A 156 -12.62 -0.01 19.86
N ALA A 157 -12.90 -1.07 19.13
CA ALA A 157 -12.76 -2.42 19.67
C ALA A 157 -11.33 -2.86 19.92
N GLY A 158 -10.34 -2.20 19.29
CA GLY A 158 -8.93 -2.59 19.48
C GLY A 158 -8.46 -3.62 18.46
N LEU A 159 -9.27 -3.84 17.43
CA LEU A 159 -8.98 -4.85 16.42
C LEU A 159 -7.93 -4.31 15.42
N ALA A 160 -7.99 -3.00 15.18
CA ALA A 160 -7.09 -2.26 14.30
C ALA A 160 -6.57 -1.07 15.08
N LYS A 161 -5.26 -0.94 15.31
CA LYS A 161 -4.78 0.22 16.06
CA LYS A 161 -4.71 0.22 16.02
C LYS A 161 -5.11 1.48 15.23
N SER A 162 -4.96 1.38 13.90
CA SER A 162 -5.30 2.48 12.92
C SER A 162 -6.16 2.00 11.73
N ILE A 163 -6.93 2.91 11.12
CA ILE A 163 -7.75 2.63 9.96
C ILE A 163 -7.58 3.66 8.80
N GLY A 164 -7.78 3.22 7.57
CA GLY A 164 -7.53 4.09 6.43
C GLY A 164 -8.17 3.56 5.17
N VAL A 165 -7.91 4.21 4.04
CA VAL A 165 -8.45 3.79 2.77
C VAL A 165 -7.37 3.55 1.70
N SER A 166 -7.79 2.90 0.61
CA SER A 166 -6.92 2.60 -0.48
C SER A 166 -7.69 2.79 -1.76
N ASN A 167 -7.03 3.34 -2.77
CA ASN A 167 -7.58 3.55 -4.10
C ASN A 167 -8.68 4.58 -4.20
N PHE A 168 -8.70 5.46 -3.22
CA PHE A 168 -9.67 6.54 -3.16
C PHE A 168 -9.03 7.71 -3.86
N ASN A 169 -9.85 8.41 -4.66
CA ASN A 169 -9.49 9.73 -5.14
C ASN A 169 -9.89 10.84 -4.15
N ARG A 170 -9.56 12.08 -4.52
CA ARG A 170 -9.79 13.25 -3.69
C ARG A 170 -11.26 13.38 -3.33
N ARG A 171 -12.19 13.38 -4.29
CA ARG A 171 -13.61 13.53 -3.95
C ARG A 171 -14.06 12.43 -3.01
N GLN A 172 -13.65 11.19 -3.25
CA GLN A 172 -14.10 10.05 -2.41
C GLN A 172 -13.54 10.11 -0.97
N LEU A 173 -12.36 10.67 -0.82
CA LEU A 173 -11.81 10.96 0.48
C LEU A 173 -12.61 12.06 1.19
N GLU A 174 -12.83 13.20 0.52
CA GLU A 174 -13.66 14.29 1.08
C GLU A 174 -15.03 13.78 1.58
N MET A 175 -15.60 12.76 0.95
CA MET A 175 -16.93 12.27 1.33
C MET A 175 -16.88 11.82 2.79
N ILE A 176 -15.78 11.14 3.15
CA ILE A 176 -15.54 10.64 4.51
C ILE A 176 -15.24 11.80 5.44
N LEU A 177 -14.29 12.67 5.06
CA LEU A 177 -13.81 13.74 5.95
C LEU A 177 -14.91 14.78 6.34
N ASN A 178 -15.86 14.98 5.42
CA ASN A 178 -17.06 15.83 5.64
C ASN A 178 -18.28 15.12 6.23
N LYS A 179 -18.18 13.83 6.54
CA LYS A 179 -19.29 13.04 7.10
C LYS A 179 -19.79 13.61 8.43
N PRO A 180 -21.12 13.70 8.60
CA PRO A 180 -21.60 14.08 9.94
C PRO A 180 -21.17 13.09 11.05
N GLY A 181 -20.76 13.62 12.20
CA GLY A 181 -20.26 12.81 13.28
C GLY A 181 -19.08 11.90 12.96
N LEU A 182 -18.13 12.36 12.13
CA LEU A 182 -16.90 11.61 11.91
C LEU A 182 -16.16 11.45 13.21
N LYS A 183 -15.78 10.21 13.54
CA LYS A 183 -14.99 10.00 14.74
C LYS A 183 -13.48 9.92 14.44
N TYR A 184 -13.12 9.34 13.29
CA TYR A 184 -11.70 9.16 12.88
C TYR A 184 -11.46 9.47 11.40
N LYS A 185 -10.51 10.36 11.16
CA LYS A 185 -10.02 10.57 9.82
C LYS A 185 -9.29 9.28 9.36
N PRO A 186 -9.37 8.93 8.07
CA PRO A 186 -8.41 7.92 7.60
C PRO A 186 -6.99 8.42 7.88
N VAL A 187 -6.11 7.55 8.34
CA VAL A 187 -4.74 7.91 8.58
C VAL A 187 -3.92 7.98 7.27
N CYS A 188 -4.42 7.32 6.22
CA CYS A 188 -3.70 7.15 4.96
C CYS A 188 -4.64 6.89 3.79
N ASN A 189 -4.05 6.98 2.60
CA ASN A 189 -4.64 6.56 1.32
C ASN A 189 -3.53 5.80 0.56
N GLN A 190 -3.69 4.50 0.38
CA GLN A 190 -2.72 3.73 -0.35
C GLN A 190 -3.16 3.66 -1.81
N VAL A 191 -2.34 4.25 -2.70
CA VAL A 191 -2.70 4.38 -4.09
C VAL A 191 -1.51 4.01 -5.00
N GLU A 192 -1.78 3.69 -6.28
CA GLU A 192 -0.68 3.45 -7.20
C GLU A 192 0.07 4.75 -7.35
N CYS A 193 1.40 4.70 -7.25
CA CYS A 193 2.22 5.92 -7.20
C CYS A 193 3.69 5.63 -7.54
N HIS A 194 4.15 6.18 -8.65
CA HIS A 194 5.51 5.98 -9.14
C HIS A 194 5.76 7.14 -10.09
N PRO A 195 7.02 7.31 -10.58
CA PRO A 195 7.41 8.47 -11.43
C PRO A 195 6.62 8.69 -12.70
N TYR A 196 6.07 7.61 -13.26
CA TYR A 196 5.11 7.71 -14.37
C TYR A 196 3.68 8.07 -13.95
N PHE A 197 3.39 8.15 -12.67
CA PHE A 197 2.00 8.43 -12.19
C PHE A 197 2.18 8.88 -10.77
N ASN A 198 2.72 10.10 -10.58
CA ASN A 198 3.27 10.52 -9.28
C ASN A 198 2.25 11.11 -8.30
N ARG A 199 1.02 11.26 -8.79
CA ARG A 199 -0.15 11.65 -7.95
C ARG A 199 0.10 12.92 -7.10
N SER A 200 0.76 13.90 -7.69
CA SER A 200 1.13 15.16 -7.06
C SER A 200 0.01 15.96 -6.44
N LYS A 201 -1.06 16.16 -7.20
CA LYS A 201 -2.19 16.98 -6.75
C LYS A 201 -2.86 16.31 -5.53
N LEU A 202 -3.11 15.01 -5.65
CA LEU A 202 -3.63 14.21 -4.53
C LEU A 202 -2.69 14.23 -3.35
N LEU A 203 -1.39 14.16 -3.62
CA LEU A 203 -0.39 14.17 -2.56
C LEU A 203 -0.48 15.43 -1.72
N ASP A 204 -0.57 16.60 -2.36
CA ASP A 204 -0.80 17.89 -1.66
C ASP A 204 -2.10 17.91 -0.86
N PHE A 205 -3.15 17.29 -1.39
CA PHE A 205 -4.42 17.27 -0.71
C PHE A 205 -4.26 16.51 0.61
N CYS A 206 -3.84 15.25 0.50
CA CYS A 206 -3.49 14.43 1.69
C CYS A 206 -2.64 15.16 2.72
N LYS A 207 -1.56 15.84 2.29
CA LYS A 207 -0.65 16.50 3.25
C LYS A 207 -1.42 17.60 3.98
N SER A 208 -2.31 18.30 3.28
CA SER A 208 -3.11 19.35 3.89
C SER A 208 -4.09 18.80 4.94
N LYS A 209 -4.38 17.50 4.89
CA LYS A 209 -5.28 16.92 5.86
C LYS A 209 -4.60 15.99 6.84
N ASP A 210 -3.27 15.99 6.91
CA ASP A 210 -2.60 15.13 7.91
C ASP A 210 -2.85 13.64 7.53
N ILE A 211 -3.17 13.38 6.25
CA ILE A 211 -3.31 12.02 5.75
C ILE A 211 -2.04 11.65 4.96
N VAL A 212 -1.55 10.42 5.15
CA VAL A 212 -0.31 9.90 4.53
C VAL A 212 -0.65 9.22 3.22
N LEU A 213 0.07 9.54 2.15
CA LEU A 213 -0.05 8.79 0.89
C LEU A 213 0.94 7.63 0.98
N VAL A 214 0.47 6.42 0.73
CA VAL A 214 1.33 5.23 0.68
C VAL A 214 1.38 4.77 -0.78
N ALA A 215 2.57 4.57 -1.36
CA ALA A 215 2.69 4.18 -2.76
C ALA A 215 2.74 2.66 -2.93
N TYR A 216 1.82 2.13 -3.74
CA TYR A 216 2.01 0.78 -4.30
C TYR A 216 2.38 0.80 -5.79
N SER A 217 2.84 -0.35 -6.28
CA SER A 217 3.48 -0.42 -7.57
C SER A 217 4.50 0.75 -7.78
N ALA A 218 5.22 1.11 -6.72
CA ALA A 218 6.30 2.12 -6.76
C ALA A 218 7.57 1.70 -7.56
N LEU A 219 7.66 0.41 -7.91
CA LEU A 219 8.73 -0.14 -8.76
C LEU A 219 8.15 -0.54 -10.14
N GLY A 220 6.93 -0.10 -10.42
CA GLY A 220 6.31 -0.23 -11.74
C GLY A 220 5.33 -1.37 -11.86
N SER A 221 5.00 -1.99 -10.73
CA SER A 221 4.02 -3.10 -10.62
C SER A 221 4.65 -4.37 -11.14
N GLN A 222 4.02 -5.51 -10.89
CA GLN A 222 4.53 -6.81 -11.32
C GLN A 222 4.11 -7.19 -12.75
N ARG A 223 3.43 -6.27 -13.46
CA ARG A 223 3.04 -6.50 -14.88
C ARG A 223 2.14 -7.75 -15.14
N ASP A 224 1.21 -8.00 -14.25
CA ASP A 224 0.35 -9.19 -14.33
C ASP A 224 -0.58 -8.97 -15.54
N LYS A 225 -0.60 -9.95 -16.44
CA LYS A 225 -1.33 -9.81 -17.70
C LYS A 225 -2.85 -9.68 -17.42
N ARG A 226 -3.27 -9.98 -16.20
CA ARG A 226 -4.69 -9.85 -15.86
C ARG A 226 -5.15 -8.42 -15.82
N TRP A 227 -4.25 -7.50 -15.52
CA TRP A 227 -4.59 -6.07 -15.33
C TRP A 227 -3.72 -5.09 -16.07
N VAL A 228 -2.52 -5.52 -16.50
CA VAL A 228 -1.48 -4.62 -17.03
C VAL A 228 -1.20 -4.90 -18.50
N ASP A 229 -1.20 -3.86 -19.31
CA ASP A 229 -0.85 -3.96 -20.74
C ASP A 229 0.66 -4.16 -20.85
N PRO A 230 1.10 -5.34 -21.34
CA PRO A 230 2.55 -5.63 -21.44
C PRO A 230 3.29 -4.69 -22.41
N ASN A 231 2.54 -3.92 -23.17
CA ASN A 231 3.07 -2.88 -24.05
C ASN A 231 3.46 -1.60 -23.31
N SER A 232 2.98 -1.48 -22.06
CA SER A 232 3.36 -0.39 -21.15
CA SER A 232 3.37 -0.38 -21.17
C SER A 232 4.88 -0.29 -20.98
N PRO A 233 5.42 0.95 -20.93
CA PRO A 233 6.85 1.06 -20.69
C PRO A 233 7.19 0.54 -19.31
N VAL A 234 8.35 -0.10 -19.21
CA VAL A 234 8.80 -0.75 -18.01
C VAL A 234 9.50 0.36 -17.26
N LEU A 235 8.95 0.74 -16.11
CA LEU A 235 9.47 1.88 -15.33
C LEU A 235 10.97 1.71 -15.02
N LEU A 236 11.33 0.51 -14.56
CA LEU A 236 12.71 0.24 -14.12
C LEU A 236 13.77 0.17 -15.26
N GLU A 237 13.31 0.35 -16.49
CA GLU A 237 14.17 0.50 -17.64
C GLU A 237 14.09 1.92 -18.11
N ASP A 238 13.61 2.85 -17.26
CA ASP A 238 13.54 4.25 -17.72
C ASP A 238 14.93 4.87 -17.82
N PRO A 239 15.24 5.48 -18.98
CA PRO A 239 16.56 6.14 -19.27
C PRO A 239 17.04 7.20 -18.26
N VAL A 240 16.10 8.03 -17.77
CA VAL A 240 16.41 9.05 -16.73
C VAL A 240 16.71 8.40 -15.38
N LEU A 241 15.93 7.42 -14.95
CA LEU A 241 16.23 6.67 -13.69
C LEU A 241 17.53 5.88 -13.82
N CYS A 242 17.79 5.28 -14.98
CA CYS A 242 19.06 4.56 -15.24
CA CYS A 242 19.05 4.56 -15.20
C CYS A 242 20.23 5.52 -15.11
N ALA A 243 20.11 6.71 -15.69
CA ALA A 243 21.17 7.77 -15.58
C ALA A 243 21.42 8.18 -14.14
N LEU A 244 20.34 8.36 -13.39
CA LEU A 244 20.46 8.67 -11.93
C LEU A 244 21.05 7.53 -11.10
N ALA A 245 20.77 6.28 -11.47
CA ALA A 245 21.30 5.11 -10.74
C ALA A 245 22.83 5.10 -10.89
N LYS A 246 23.30 5.40 -12.09
CA LYS A 246 24.73 5.46 -12.39
C LYS A 246 25.42 6.66 -11.72
N LYS A 247 24.80 7.84 -11.74
CA LYS A 247 25.35 9.00 -11.03
C LYS A 247 25.61 8.72 -9.56
N HIS A 248 24.64 8.03 -8.93
CA HIS A 248 24.67 7.66 -7.51
C HIS A 248 25.23 6.31 -7.23
N LYS A 249 25.49 5.50 -8.26
CA LYS A 249 26.01 4.13 -8.08
C LYS A 249 25.06 3.29 -7.21
N ARG A 250 23.79 3.30 -7.61
CA ARG A 250 22.70 2.52 -6.99
C ARG A 250 21.94 1.82 -8.15
N THR A 251 20.67 1.50 -8.00
CA THR A 251 19.97 0.81 -9.05
C THR A 251 18.74 1.65 -9.31
N PRO A 252 18.11 1.48 -10.50
CA PRO A 252 16.87 2.23 -10.72
C PRO A 252 15.75 1.92 -9.70
N ALA A 253 15.77 0.76 -9.06
CA ALA A 253 14.75 0.46 -8.01
C ALA A 253 14.95 1.46 -6.87
N LEU A 254 16.18 1.63 -6.46
CA LEU A 254 16.51 2.44 -5.30
C LEU A 254 16.21 3.92 -5.52
N ILE A 255 16.40 4.39 -6.75
CA ILE A 255 16.08 5.78 -7.09
C ILE A 255 14.56 6.00 -7.00
N ALA A 256 13.78 5.06 -7.49
CA ALA A 256 12.33 5.15 -7.45
C ALA A 256 11.75 5.11 -6.01
N LEU A 257 12.33 4.29 -5.13
CA LEU A 257 11.92 4.27 -3.72
C LEU A 257 12.32 5.60 -3.03
N ARG A 258 13.59 5.95 -3.14
CA ARG A 258 14.12 7.16 -2.52
C ARG A 258 13.38 8.43 -2.98
N TYR A 259 13.02 8.50 -4.25
CA TYR A 259 12.14 9.55 -4.76
C TYR A 259 10.89 9.70 -3.87
N GLN A 260 10.26 8.57 -3.51
CA GLN A 260 9.02 8.59 -2.70
C GLN A 260 9.25 9.09 -1.27
N LEU A 261 10.37 8.73 -0.66
CA LEU A 261 10.62 9.15 0.74
C LEU A 261 10.82 10.66 0.83
N GLN A 262 11.57 11.25 -0.10
CA GLN A 262 11.88 12.68 -0.08
C GLN A 262 10.66 13.54 -0.42
N ARG A 263 9.66 12.96 -1.06
CA ARG A 263 8.31 13.63 -1.25
C ARG A 263 7.31 13.41 -0.10
N GLY A 264 7.70 12.75 0.98
CA GLY A 264 6.81 12.55 2.13
C GLY A 264 5.82 11.40 1.95
N VAL A 265 6.07 10.53 0.97
CA VAL A 265 5.26 9.36 0.68
C VAL A 265 5.88 8.11 1.34
N VAL A 266 5.06 7.24 1.93
CA VAL A 266 5.53 5.98 2.52
C VAL A 266 5.49 5.02 1.35
N VAL A 267 6.56 4.22 1.14
CA VAL A 267 6.71 3.44 -0.08
C VAL A 267 6.75 1.95 0.32
N LEU A 268 6.01 1.16 -0.41
CA LEU A 268 6.04 -0.28 -0.37
C LEU A 268 7.00 -0.77 -1.47
N ALA A 269 7.50 -1.98 -1.24
CA ALA A 269 8.37 -2.62 -2.23
C ALA A 269 8.18 -4.12 -2.11
N LYS A 270 7.62 -4.74 -3.13
CA LYS A 270 7.55 -6.18 -3.12
C LYS A 270 8.78 -6.76 -3.82
N SER A 271 9.32 -7.83 -3.26
CA SER A 271 10.31 -8.65 -3.95
C SER A 271 10.31 -10.00 -3.29
N TYR A 272 10.40 -11.07 -4.09
CA TYR A 272 10.47 -12.43 -3.58
C TYR A 272 11.89 -13.00 -3.87
N ASN A 273 12.85 -12.10 -4.13
CA ASN A 273 14.26 -12.44 -4.40
C ASN A 273 15.12 -12.02 -3.26
N GLU A 274 15.92 -12.93 -2.68
CA GLU A 274 16.81 -12.59 -1.51
C GLU A 274 17.73 -11.38 -1.71
N GLN A 275 18.42 -11.27 -2.84
CA GLN A 275 19.34 -10.12 -3.09
C GLN A 275 18.58 -8.75 -3.17
N ARG A 276 17.43 -8.73 -3.84
CA ARG A 276 16.66 -7.49 -4.05
C ARG A 276 15.93 -7.04 -2.81
N ILE A 277 15.40 -7.98 -2.02
CA ILE A 277 14.88 -7.64 -0.66
C ILE A 277 15.93 -6.89 0.16
N ARG A 278 17.16 -7.41 0.21
CA ARG A 278 18.26 -6.76 0.97
C ARG A 278 18.67 -5.42 0.34
N GLN A 279 18.74 -5.38 -0.98
CA GLN A 279 19.08 -4.14 -1.70
C GLN A 279 18.11 -3.03 -1.38
N ASN A 280 16.83 -3.34 -1.35
CA ASN A 280 15.83 -2.27 -1.20
C ASN A 280 15.92 -1.46 0.11
N VAL A 281 16.45 -2.06 1.18
CA VAL A 281 16.62 -1.32 2.48
C VAL A 281 17.76 -0.33 2.41
N GLN A 282 18.53 -0.40 1.33
CA GLN A 282 19.57 0.61 1.08
C GLN A 282 19.01 2.01 0.82
N VAL A 283 17.70 2.13 0.59
CA VAL A 283 17.05 3.41 0.33
C VAL A 283 17.35 4.42 1.43
N PHE A 284 17.63 3.93 2.65
CA PHE A 284 18.06 4.84 3.73
C PHE A 284 19.51 5.30 3.64
N GLU A 285 20.29 4.75 2.71
CA GLU A 285 21.73 4.94 2.75
C GLU A 285 22.18 6.10 1.87
N PHE A 286 21.27 6.72 1.11
CA PHE A 286 21.70 7.87 0.27
C PHE A 286 20.57 8.88 0.07
N GLN A 287 20.89 9.97 -0.64
CA GLN A 287 19.93 11.02 -0.93
C GLN A 287 20.03 11.52 -2.34
N LEU A 288 18.90 11.96 -2.88
CA LEU A 288 18.86 12.58 -4.21
C LEU A 288 18.83 14.08 -4.00
N THR A 289 19.32 14.82 -4.99
CA THR A 289 19.39 16.28 -4.85
C THR A 289 18.12 16.88 -5.43
N ALA A 290 17.93 18.18 -5.25
CA ALA A 290 16.77 18.88 -5.81
C ALA A 290 16.69 18.72 -7.31
N GLU A 291 17.81 18.73 -8.02
CA GLU A 291 17.75 18.63 -9.50
C GLU A 291 17.45 17.20 -9.91
N ASP A 292 18.02 16.23 -9.18
CA ASP A 292 17.58 14.82 -9.25
C ASP A 292 16.06 14.68 -9.06
N MET A 293 15.49 15.31 -8.03
CA MET A 293 14.04 15.23 -7.81
C MET A 293 13.21 15.85 -8.96
N LYS A 294 13.71 16.94 -9.57
CA LYS A 294 12.99 17.61 -10.68
C LYS A 294 13.02 16.72 -11.88
N ALA A 295 14.16 16.06 -12.11
CA ALA A 295 14.29 15.17 -13.27
C ALA A 295 13.25 14.07 -13.14
N ILE A 296 13.08 13.53 -11.93
CA ILE A 296 12.15 12.45 -11.73
C ILE A 296 10.69 12.94 -11.87
N ASP A 297 10.37 14.06 -11.22
CA ASP A 297 9.11 14.81 -11.48
C ASP A 297 8.83 15.02 -12.98
N GLY A 298 9.85 15.24 -13.79
CA GLY A 298 9.65 15.38 -15.23
C GLY A 298 9.11 14.15 -15.96
N LEU A 299 9.00 12.99 -15.30
CA LEU A 299 8.62 11.71 -15.97
C LEU A 299 7.12 11.38 -15.93
N ASP A 300 6.35 12.16 -15.19
CA ASP A 300 4.92 11.94 -15.01
C ASP A 300 4.18 11.90 -16.34
N ARG A 301 3.41 10.86 -16.58
CA ARG A 301 2.70 10.78 -17.83
C ARG A 301 1.35 10.09 -17.67
N ASN A 302 0.76 10.14 -16.46
CA ASN A 302 -0.55 9.52 -16.20
C ASN A 302 -0.64 8.03 -16.53
N LEU A 303 0.39 7.28 -16.26
CA LEU A 303 0.34 5.87 -16.61
C LEU A 303 -0.01 5.12 -15.35
N HIS A 304 -1.28 4.73 -15.19
CA HIS A 304 -1.64 3.74 -14.18
C HIS A 304 -1.51 2.40 -14.82
N TYR A 305 -0.67 1.54 -14.27
CA TYR A 305 -0.44 0.22 -14.82
C TYR A 305 -1.72 -0.64 -14.76
N PHE A 306 -2.47 -0.52 -13.66
CA PHE A 306 -3.75 -1.24 -13.53
C PHE A 306 -4.82 -0.48 -14.34
N ASN A 307 -5.22 -1.12 -15.43
CA ASN A 307 -6.00 -0.49 -16.47
C ASN A 307 -6.84 -1.56 -17.15
N SER A 308 -7.93 -1.95 -16.47
CA SER A 308 -8.78 -3.06 -16.89
C SER A 308 -10.25 -2.67 -17.03
N ASP A 309 -10.90 -3.25 -18.00
CA ASP A 309 -12.36 -3.26 -18.12
C ASP A 309 -13.04 -3.54 -16.76
N SER A 310 -12.46 -4.44 -15.99
CA SER A 310 -13.09 -4.93 -14.79
C SER A 310 -13.24 -3.86 -13.70
N PHE A 311 -12.50 -2.75 -13.81
CA PHE A 311 -12.59 -1.57 -12.93
C PHE A 311 -13.17 -0.36 -13.61
N ALA A 312 -12.87 -0.22 -14.92
CA ALA A 312 -12.96 1.07 -15.59
C ALA A 312 -14.39 1.46 -15.87
N SER A 313 -15.30 0.50 -15.96
CA SER A 313 -16.70 0.79 -16.23
C SER A 313 -17.50 0.88 -14.92
N HIS A 314 -16.81 0.96 -13.78
CA HIS A 314 -17.44 0.80 -12.46
C HIS A 314 -17.81 2.16 -11.95
N PRO A 315 -19.08 2.32 -11.50
CA PRO A 315 -19.61 3.63 -11.09
C PRO A 315 -18.68 4.49 -10.23
N ASN A 316 -17.91 3.86 -9.34
CA ASN A 316 -16.95 4.52 -8.45
C ASN A 316 -15.45 4.30 -8.78
N TYR A 317 -15.18 4.07 -10.07
CA TYR A 317 -13.80 4.14 -10.63
C TYR A 317 -13.07 5.40 -10.16
N PRO A 318 -11.97 5.25 -9.41
CA PRO A 318 -11.29 6.43 -8.90
C PRO A 318 -10.57 7.32 -9.94
N TYR A 319 -10.21 6.75 -11.09
CA TYR A 319 -9.44 7.52 -12.09
C TYR A 319 -10.39 8.17 -13.03
N SER A 320 -11.66 8.22 -12.61
CA SER A 320 -12.73 8.91 -13.32
C SER A 320 -12.63 10.43 -13.13
N ASP A 321 -12.32 10.87 -11.92
CA ASP A 321 -11.93 12.27 -11.65
C ASP A 321 -10.52 12.33 -12.19
N GLU A 322 -9.69 13.21 -11.64
CA GLU A 322 -8.30 13.28 -12.11
C GLU A 322 -8.31 13.73 -13.57
N TYR A 323 -8.92 14.90 -13.78
CA TYR A 323 -8.74 15.72 -14.97
C TYR A 323 -8.82 17.18 -14.51
#